data_1B0U
#
_entry.id   1B0U
#
_cell.length_a   68.809
_cell.length_b   68.809
_cell.length_c   148.033
_cell.angle_alpha   90.00
_cell.angle_beta   90.00
_cell.angle_gamma   90.00
#
_symmetry.space_group_name_H-M   'P 43 21 2'
#
loop_
_entity.id
_entity.type
_entity.pdbx_description
1 polymer 'HISTIDINE PERMEASE'
2 non-polymer 'CHLORIDE ION'
3 non-polymer "ADENOSINE-5'-TRIPHOSPHATE"
4 water water
#
_entity_poly.entity_id   1
_entity_poly.type   'polypeptide(L)'
_entity_poly.pdbx_seq_one_letter_code
;MMSENKLHVIDLHKRYGGHEVLKGVSLQARAGDVISIIGSSGSGKSTFLRCINFLEKPSEGAIIVNGQNINLVRDKDGQL
KVADKNQLRLLRTRLTMVFQHFNLWSHMTVLENVMEAPIQVLGLSKHDARERALKYLAKVGIDERAQGKYPVHLSGGQQQ
RVSIARALAMEPDVLLFDEPTSALDPELVGEVLRIMQQLAEEGKTMVVVTHEMGFARHVSSHVIFLHQGKIEEEGDPEQV
FGNPQSPRLQQFLKGSLKKLEH
;
_entity_poly.pdbx_strand_id   A
#
# COMPACT_ATOMS: atom_id res chain seq x y z
N ASN A 5 -15.01 10.22 -0.96
CA ASN A 5 -14.29 10.09 -2.20
C ASN A 5 -13.87 8.68 -2.59
N LYS A 6 -12.58 8.31 -2.52
CA LYS A 6 -12.18 6.95 -2.97
C LYS A 6 -12.13 5.93 -1.83
N LEU A 7 -11.62 6.34 -0.70
CA LEU A 7 -11.52 5.40 0.43
C LEU A 7 -11.70 6.15 1.73
N HIS A 8 -12.55 5.65 2.63
CA HIS A 8 -12.72 6.28 3.92
C HIS A 8 -12.68 5.16 4.96
N VAL A 9 -11.66 5.21 5.83
CA VAL A 9 -11.46 4.22 6.89
C VAL A 9 -11.82 4.96 8.15
N ILE A 10 -12.78 4.42 8.88
CA ILE A 10 -13.28 5.09 10.07
C ILE A 10 -13.11 4.35 11.39
N ASP A 11 -12.49 4.99 12.38
CA ASP A 11 -12.36 4.50 13.77
C ASP A 11 -11.89 3.05 13.86
N LEU A 12 -10.86 2.75 13.09
CA LEU A 12 -10.35 1.37 13.00
C LEU A 12 -9.54 0.95 14.21
N HIS A 13 -9.94 -0.20 14.77
CA HIS A 13 -9.17 -0.80 15.86
C HIS A 13 -8.82 -2.20 15.38
N LYS A 14 -7.77 -2.79 15.97
CA LYS A 14 -7.41 -4.16 15.61
C LYS A 14 -6.65 -4.80 16.77
N ARG A 15 -7.06 -6.02 17.14
CA ARG A 15 -6.36 -6.78 18.18
C ARG A 15 -5.93 -8.12 17.63
N TYR A 16 -4.79 -8.59 18.13
CA TYR A 16 -4.35 -9.95 17.79
C TYR A 16 -4.58 -10.64 19.13
N GLY A 17 -5.63 -11.48 19.18
CA GLY A 17 -5.98 -12.08 20.45
C GLY A 17 -6.34 -10.92 21.36
N GLY A 18 -5.78 -10.92 22.55
CA GLY A 18 -6.02 -9.85 23.50
C GLY A 18 -5.15 -8.60 23.38
N HIS A 19 -4.20 -8.66 22.46
CA HIS A 19 -3.27 -7.55 22.26
C HIS A 19 -3.84 -6.48 21.31
N GLU A 20 -4.24 -5.34 21.87
CA GLU A 20 -4.78 -4.32 20.96
C GLU A 20 -3.62 -3.54 20.34
N VAL A 21 -3.60 -3.53 19.03
CA VAL A 21 -2.52 -2.84 18.31
C VAL A 21 -2.96 -1.52 17.72
N LEU A 22 -4.08 -1.49 17.01
CA LEU A 22 -4.60 -0.22 16.46
C LEU A 22 -5.73 0.19 17.41
N LYS A 23 -5.71 1.45 17.79
CA LYS A 23 -6.59 1.98 18.80
C LYS A 23 -7.46 3.14 18.35
N GLY A 24 -7.99 3.04 17.14
CA GLY A 24 -8.86 4.10 16.66
C GLY A 24 -8.17 5.04 15.70
N VAL A 25 -8.06 4.60 14.44
CA VAL A 25 -7.43 5.41 13.40
C VAL A 25 -8.33 5.57 12.22
N SER A 26 -8.26 6.73 11.58
CA SER A 26 -9.09 7.05 10.43
C SER A 26 -8.25 7.58 9.28
N LEU A 27 -8.76 7.44 8.07
CA LEU A 27 -8.04 7.90 6.88
C LEU A 27 -9.06 8.18 5.80
N GLN A 28 -8.86 9.26 5.04
CA GLN A 28 -9.75 9.51 3.92
C GLN A 28 -8.95 10.01 2.74
N ALA A 29 -9.04 9.23 1.68
CA ALA A 29 -8.32 9.51 0.43
C ALA A 29 -9.34 9.88 -0.64
N ARG A 30 -9.15 11.08 -1.16
CA ARG A 30 -9.93 11.57 -2.28
C ARG A 30 -9.06 11.38 -3.52
N ALA A 31 -9.66 11.41 -4.71
CA ALA A 31 -8.91 11.22 -5.92
C ALA A 31 -7.66 12.10 -6.03
N GLY A 32 -6.54 11.42 -6.27
CA GLY A 32 -5.28 12.11 -6.40
C GLY A 32 -4.52 12.35 -5.09
N ASP A 33 -5.08 11.96 -3.95
CA ASP A 33 -4.36 12.15 -2.68
C ASP A 33 -3.21 11.13 -2.63
N VAL A 34 -2.10 11.54 -2.03
CA VAL A 34 -0.92 10.67 -1.84
C VAL A 34 -0.64 10.79 -0.34
N ILE A 35 -1.05 9.77 0.41
CA ILE A 35 -0.91 9.75 1.87
C ILE A 35 0.24 8.89 2.32
N SER A 36 1.22 9.49 2.98
CA SER A 36 2.31 8.69 3.55
C SER A 36 2.08 8.52 5.02
N ILE A 37 2.32 7.31 5.50
CA ILE A 37 2.17 6.95 6.92
C ILE A 37 3.60 6.66 7.42
N ILE A 38 3.99 7.37 8.46
CA ILE A 38 5.31 7.22 9.05
C ILE A 38 5.18 6.94 10.56
N GLY A 39 6.20 6.33 11.14
CA GLY A 39 6.17 6.03 12.57
C GLY A 39 7.13 4.93 12.90
N SER A 40 7.38 4.75 14.19
CA SER A 40 8.30 3.74 14.60
C SER A 40 7.85 2.32 14.23
N SER A 41 8.81 1.40 14.07
CA SER A 41 8.48 0.00 13.86
C SER A 41 7.75 -0.47 15.14
N GLY A 42 6.54 -0.98 14.97
CA GLY A 42 5.74 -1.42 16.10
C GLY A 42 4.54 -0.51 16.34
N SER A 43 4.51 0.65 15.69
CA SER A 43 3.38 1.58 15.84
C SER A 43 2.11 1.03 15.25
N GLY A 44 2.21 0.02 14.38
CA GLY A 44 1.04 -0.63 13.78
C GLY A 44 0.73 -0.26 12.33
N LYS A 45 1.75 0.21 11.60
CA LYS A 45 1.55 0.65 10.22
C LYS A 45 1.10 -0.46 9.32
N SER A 46 1.77 -1.60 9.39
CA SER A 46 1.39 -2.71 8.53
C SER A 46 0.01 -3.26 8.89
N THR A 47 -0.28 -3.29 10.19
CA THR A 47 -1.61 -3.73 10.62
C THR A 47 -2.69 -2.81 10.03
N PHE A 48 -2.41 -1.50 10.02
CA PHE A 48 -3.32 -0.48 9.47
C PHE A 48 -3.61 -0.80 7.98
N LEU A 49 -2.54 -0.95 7.19
CA LEU A 49 -2.76 -1.26 5.78
C LEU A 49 -3.43 -2.60 5.53
N ARG A 50 -3.07 -3.65 6.28
CA ARG A 50 -3.65 -4.97 6.09
C ARG A 50 -5.13 -5.01 6.48
N CYS A 51 -5.55 -4.11 7.36
CA CYS A 51 -6.97 -4.06 7.73
C CYS A 51 -7.77 -3.44 6.57
N ILE A 52 -7.17 -2.48 5.86
CA ILE A 52 -7.87 -1.77 4.78
C ILE A 52 -8.39 -2.73 3.74
N ASN A 53 -7.61 -3.76 3.42
CA ASN A 53 -8.09 -4.74 2.44
C ASN A 53 -8.40 -6.11 3.04
N PHE A 54 -8.66 -6.10 4.34
CA PHE A 54 -8.99 -7.30 5.09
C PHE A 54 -8.06 -8.49 5.09
N LEU A 55 -6.79 -8.22 4.85
CA LEU A 55 -5.80 -9.28 4.99
C LEU A 55 -5.75 -9.56 6.49
N GLU A 56 -6.08 -8.53 7.29
CA GLU A 56 -6.20 -8.69 8.74
C GLU A 56 -7.61 -8.21 9.09
N LYS A 57 -8.20 -8.76 10.15
CA LYS A 57 -9.57 -8.41 10.52
C LYS A 57 -9.61 -7.33 11.60
N PRO A 58 -10.29 -6.23 11.34
CA PRO A 58 -10.41 -5.15 12.34
C PRO A 58 -11.25 -5.65 13.51
N SER A 59 -11.09 -5.03 14.66
CA SER A 59 -11.93 -5.34 15.82
C SER A 59 -13.02 -4.26 15.95
N GLU A 60 -12.79 -3.11 15.31
CA GLU A 60 -13.76 -2.01 15.32
C GLU A 60 -13.55 -1.22 14.04
N GLY A 61 -14.58 -0.49 13.60
CA GLY A 61 -14.42 0.37 12.44
C GLY A 61 -15.32 0.14 11.25
N ALA A 62 -15.13 0.96 10.22
CA ALA A 62 -15.87 0.87 8.95
C ALA A 62 -14.92 1.22 7.81
N ILE A 63 -15.22 0.64 6.64
CA ILE A 63 -14.44 0.87 5.43
C ILE A 63 -15.43 1.17 4.32
N ILE A 64 -15.25 2.33 3.69
CA ILE A 64 -16.12 2.81 2.62
C ILE A 64 -15.25 3.00 1.37
N VAL A 65 -15.67 2.40 0.25
CA VAL A 65 -14.90 2.48 -1.00
C VAL A 65 -15.78 3.13 -2.02
N ASN A 66 -15.27 4.21 -2.62
CA ASN A 66 -16.05 4.97 -3.60
C ASN A 66 -17.41 5.38 -3.09
N GLY A 67 -17.46 5.74 -1.82
CA GLY A 67 -18.74 6.15 -1.25
C GLY A 67 -19.66 5.03 -0.82
N GLN A 68 -19.33 3.78 -1.15
CA GLN A 68 -20.18 2.62 -0.79
C GLN A 68 -19.60 1.86 0.43
N ASN A 69 -20.40 1.74 1.48
CA ASN A 69 -19.95 1.07 2.66
C ASN A 69 -19.73 -0.42 2.39
N ILE A 70 -18.67 -1.00 2.96
CA ILE A 70 -18.42 -2.44 2.87
C ILE A 70 -19.09 -3.02 4.16
N ASN A 71 -20.23 -3.71 4.03
CA ASN A 71 -20.87 -4.21 5.26
C ASN A 71 -20.08 -5.20 6.10
N LEU A 72 -19.96 -4.88 7.38
CA LEU A 72 -19.21 -5.71 8.29
C LEU A 72 -20.12 -6.26 9.37
N VAL A 73 -19.80 -7.48 9.79
CA VAL A 73 -20.54 -8.18 10.83
C VAL A 73 -19.53 -8.80 11.79
N ARG A 74 -19.90 -8.83 13.05
CA ARG A 74 -19.06 -9.36 14.13
C ARG A 74 -19.02 -10.90 14.02
N ASP A 75 -17.82 -11.50 13.83
CA ASP A 75 -17.65 -12.95 13.67
C ASP A 75 -17.48 -13.74 14.96
N LYS A 76 -17.33 -15.06 14.79
CA LYS A 76 -17.16 -16.04 15.87
C LYS A 76 -16.08 -15.61 16.89
N ASP A 77 -14.95 -15.20 16.34
CA ASP A 77 -13.79 -14.78 17.09
C ASP A 77 -13.93 -13.39 17.67
N GLY A 78 -15.08 -12.76 17.51
CA GLY A 78 -15.21 -11.43 18.06
C GLY A 78 -14.61 -10.32 17.19
N GLN A 79 -14.16 -10.69 16.00
CA GLN A 79 -13.57 -9.69 15.11
C GLN A 79 -14.57 -9.38 14.03
N LEU A 80 -14.28 -8.36 13.23
CA LEU A 80 -15.19 -8.00 12.14
C LEU A 80 -14.80 -8.64 10.84
N LYS A 81 -15.81 -9.20 10.16
CA LYS A 81 -15.60 -9.84 8.87
C LYS A 81 -16.48 -9.16 7.82
N VAL A 82 -16.06 -9.23 6.56
CA VAL A 82 -16.87 -8.66 5.47
C VAL A 82 -18.03 -9.64 5.25
N ALA A 83 -19.25 -9.13 5.40
CA ALA A 83 -20.46 -9.95 5.25
C ALA A 83 -20.61 -10.64 3.92
N ASP A 84 -20.48 -9.87 2.85
CA ASP A 84 -20.67 -10.37 1.50
C ASP A 84 -19.37 -10.63 0.73
N LYS A 85 -19.20 -11.84 0.20
CA LYS A 85 -18.00 -12.21 -0.56
C LYS A 85 -17.73 -11.27 -1.73
N ASN A 86 -18.77 -10.81 -2.42
CA ASN A 86 -18.52 -9.95 -3.54
C ASN A 86 -18.02 -8.60 -3.11
N GLN A 87 -18.39 -8.19 -1.91
CA GLN A 87 -17.89 -6.93 -1.45
C GLN A 87 -16.41 -7.11 -1.12
N LEU A 88 -16.03 -8.31 -0.68
CA LEU A 88 -14.62 -8.55 -0.35
C LEU A 88 -13.77 -8.62 -1.62
N ARG A 89 -14.33 -9.25 -2.64
CA ARG A 89 -13.63 -9.40 -3.93
C ARG A 89 -13.59 -8.04 -4.59
N LEU A 90 -14.78 -7.48 -4.84
CA LEU A 90 -14.91 -6.14 -5.43
C LEU A 90 -13.81 -5.32 -4.80
N LEU A 91 -13.76 -5.40 -3.48
CA LEU A 91 -12.76 -4.69 -2.67
C LEU A 91 -11.32 -4.87 -3.16
N ARG A 92 -10.80 -6.12 -3.12
CA ARG A 92 -9.45 -6.49 -3.55
C ARG A 92 -9.18 -6.13 -5.02
N THR A 93 -10.17 -5.59 -5.71
CA THR A 93 -9.99 -5.20 -7.11
C THR A 93 -9.92 -3.68 -7.23
N ARG A 94 -10.57 -2.98 -6.29
CA ARG A 94 -10.56 -1.51 -6.29
C ARG A 94 -9.39 -0.95 -5.48
N LEU A 95 -8.82 -1.79 -4.63
CA LEU A 95 -7.66 -1.42 -3.83
C LEU A 95 -6.66 -2.53 -4.14
N THR A 96 -5.42 -2.20 -4.42
CA THR A 96 -4.42 -3.27 -4.66
C THR A 96 -3.26 -2.93 -3.75
N MET A 97 -2.46 -3.93 -3.40
CA MET A 97 -1.37 -3.70 -2.48
C MET A 97 -0.02 -4.19 -2.99
N VAL A 98 1.01 -3.43 -2.64
CA VAL A 98 2.40 -3.75 -2.93
C VAL A 98 3.01 -3.84 -1.54
N PHE A 99 3.71 -4.94 -1.28
CA PHE A 99 4.25 -5.26 0.05
C PHE A 99 5.79 -5.19 0.17
N GLN A 100 6.31 -5.54 1.35
CA GLN A 100 7.75 -5.53 1.56
C GLN A 100 8.33 -6.69 0.78
N HIS A 101 7.58 -7.79 0.73
CA HIS A 101 7.91 -9.04 -0.01
C HIS A 101 7.30 -8.88 -1.39
N PHE A 102 7.71 -9.70 -2.35
CA PHE A 102 7.23 -9.43 -3.70
C PHE A 102 5.96 -10.08 -4.14
N ASN A 103 5.68 -11.22 -3.56
CA ASN A 103 4.42 -11.80 -3.88
C ASN A 103 4.12 -12.10 -5.34
N LEU A 104 5.03 -12.80 -5.99
CA LEU A 104 4.81 -13.20 -7.36
C LEU A 104 4.62 -14.70 -7.36
N TRP A 105 3.92 -15.23 -8.34
CA TRP A 105 3.75 -16.68 -8.49
C TRP A 105 5.07 -17.21 -9.03
N SER A 106 5.72 -18.08 -8.28
CA SER A 106 7.00 -18.64 -8.71
C SER A 106 7.00 -19.40 -10.03
N HIS A 107 5.86 -20.01 -10.38
CA HIS A 107 5.79 -20.83 -11.59
C HIS A 107 5.32 -20.08 -12.83
N MET A 108 5.17 -18.75 -12.74
CA MET A 108 4.73 -17.95 -13.85
C MET A 108 5.80 -16.96 -14.26
N THR A 109 5.88 -16.67 -15.56
CA THR A 109 6.86 -15.68 -16.01
C THR A 109 6.44 -14.29 -15.52
N VAL A 110 7.32 -13.33 -15.72
CA VAL A 110 6.99 -11.95 -15.38
C VAL A 110 5.68 -11.54 -16.10
N LEU A 111 5.61 -11.75 -17.41
CA LEU A 111 4.42 -11.35 -18.16
C LEU A 111 3.18 -12.08 -17.66
N GLU A 112 3.28 -13.39 -17.45
CA GLU A 112 2.13 -14.17 -16.99
C GLU A 112 1.70 -13.65 -15.62
N ASN A 113 2.64 -13.31 -14.76
CA ASN A 113 2.28 -12.78 -13.43
C ASN A 113 1.47 -11.52 -13.51
N VAL A 114 1.78 -10.63 -14.48
CA VAL A 114 1.02 -9.38 -14.57
C VAL A 114 -0.33 -9.55 -15.24
N MET A 115 -0.44 -10.55 -16.10
CA MET A 115 -1.70 -10.86 -16.80
C MET A 115 -2.68 -11.66 -15.96
N GLU A 116 -2.20 -12.37 -14.95
CA GLU A 116 -3.03 -13.37 -14.28
C GLU A 116 -4.31 -12.89 -13.61
N ALA A 117 -4.24 -11.91 -12.70
CA ALA A 117 -5.46 -11.45 -12.02
C ALA A 117 -6.42 -10.75 -12.99
N PRO A 118 -5.93 -9.90 -13.90
CA PRO A 118 -6.87 -9.28 -14.84
C PRO A 118 -7.69 -10.38 -15.56
N ILE A 119 -7.05 -11.50 -15.91
CA ILE A 119 -7.83 -12.60 -16.53
C ILE A 119 -8.72 -13.31 -15.52
N GLN A 120 -8.09 -13.84 -14.47
CA GLN A 120 -8.84 -14.67 -13.50
C GLN A 120 -9.81 -13.97 -12.61
N VAL A 121 -9.50 -12.76 -12.18
CA VAL A 121 -10.34 -12.02 -11.27
C VAL A 121 -11.28 -11.06 -12.01
N LEU A 122 -10.75 -10.32 -12.99
CA LEU A 122 -11.55 -9.38 -13.77
C LEU A 122 -12.29 -10.00 -14.96
N GLY A 123 -11.88 -11.21 -15.37
CA GLY A 123 -12.54 -11.86 -16.48
C GLY A 123 -12.16 -11.35 -17.86
N LEU A 124 -11.03 -10.65 -17.97
CA LEU A 124 -10.63 -10.10 -19.25
C LEU A 124 -10.18 -11.16 -20.25
N SER A 125 -10.30 -10.80 -21.52
CA SER A 125 -9.73 -11.67 -22.55
C SER A 125 -8.21 -11.68 -22.41
N LYS A 126 -7.58 -12.74 -22.91
CA LYS A 126 -6.13 -12.80 -22.84
C LYS A 126 -5.52 -11.58 -23.52
N HIS A 127 -6.07 -11.19 -24.68
CA HIS A 127 -5.53 -10.03 -25.39
C HIS A 127 -5.60 -8.76 -24.56
N ASP A 128 -6.75 -8.49 -23.96
CA ASP A 128 -6.88 -7.25 -23.18
C ASP A 128 -5.93 -7.27 -21.97
N ALA A 129 -5.78 -8.42 -21.33
CA ALA A 129 -4.90 -8.54 -20.15
C ALA A 129 -3.44 -8.37 -20.60
N ARG A 130 -3.08 -8.94 -21.75
CA ARG A 130 -1.70 -8.80 -22.23
C ARG A 130 -1.37 -7.36 -22.55
N GLU A 131 -2.32 -6.66 -23.18
CA GLU A 131 -2.10 -5.26 -23.51
C GLU A 131 -1.88 -4.45 -22.23
N ARG A 132 -2.69 -4.68 -21.19
CA ARG A 132 -2.43 -3.96 -19.92
C ARG A 132 -1.07 -4.32 -19.35
N ALA A 133 -0.75 -5.61 -19.34
CA ALA A 133 0.54 -6.06 -18.76
C ALA A 133 1.71 -5.40 -19.51
N LEU A 134 1.68 -5.33 -20.86
CA LEU A 134 2.80 -4.73 -21.57
C LEU A 134 2.91 -3.25 -21.25
N LYS A 135 1.76 -2.59 -21.12
CA LYS A 135 1.73 -1.17 -20.81
C LYS A 135 2.36 -0.89 -19.47
N TYR A 136 1.93 -1.62 -18.44
CA TYR A 136 2.45 -1.34 -17.10
C TYR A 136 3.87 -1.86 -16.87
N LEU A 137 4.25 -2.95 -17.53
CA LEU A 137 5.64 -3.40 -17.41
C LEU A 137 6.57 -2.34 -18.02
N ALA A 138 6.17 -1.73 -19.13
CA ALA A 138 7.00 -0.68 -19.71
C ALA A 138 7.10 0.48 -18.76
N LYS A 139 6.01 0.82 -18.10
CA LYS A 139 6.00 1.94 -17.18
C LYS A 139 7.01 1.76 -16.03
N VAL A 140 7.17 0.53 -15.54
CA VAL A 140 8.10 0.25 -14.45
C VAL A 140 9.50 -0.17 -14.95
N GLY A 141 9.74 -0.07 -16.24
CA GLY A 141 11.06 -0.35 -16.79
C GLY A 141 11.50 -1.79 -16.88
N ILE A 142 10.56 -2.71 -17.11
CA ILE A 142 10.88 -4.12 -17.24
C ILE A 142 10.65 -4.44 -18.71
N ASP A 143 11.75 -4.63 -19.42
CA ASP A 143 11.67 -4.83 -20.86
C ASP A 143 11.39 -6.23 -21.34
N GLU A 144 11.21 -6.36 -22.66
CA GLU A 144 10.89 -7.65 -23.24
C GLU A 144 11.81 -8.80 -22.83
N ARG A 145 13.11 -8.53 -22.79
CA ARG A 145 14.06 -9.59 -22.44
C ARG A 145 13.80 -10.16 -21.06
N ALA A 146 13.28 -9.33 -20.15
CA ALA A 146 13.00 -9.80 -18.80
C ALA A 146 11.62 -10.43 -18.64
N GLN A 147 10.73 -10.21 -19.62
CA GLN A 147 9.34 -10.66 -19.46
C GLN A 147 9.10 -12.16 -19.52
N GLY A 148 10.03 -12.89 -20.12
CA GLY A 148 9.88 -14.31 -20.16
C GLY A 148 10.69 -15.01 -19.07
N LYS A 149 11.26 -14.23 -18.17
CA LYS A 149 12.01 -14.80 -17.03
C LYS A 149 11.03 -15.05 -15.87
N TYR A 150 11.46 -15.83 -14.88
CA TYR A 150 10.63 -16.18 -13.73
C TYR A 150 11.14 -15.40 -12.52
N PRO A 151 10.32 -15.24 -11.48
CA PRO A 151 10.74 -14.50 -10.26
C PRO A 151 12.11 -14.91 -9.72
N VAL A 152 12.39 -16.21 -9.71
CA VAL A 152 13.66 -16.70 -9.16
C VAL A 152 14.86 -16.15 -9.88
N HIS A 153 14.68 -15.70 -11.12
CA HIS A 153 15.78 -15.15 -11.92
C HIS A 153 16.11 -13.68 -11.69
N LEU A 154 15.23 -13.00 -10.96
CA LEU A 154 15.28 -11.54 -10.79
C LEU A 154 15.74 -11.02 -9.45
N SER A 155 16.31 -9.82 -9.47
CA SER A 155 16.70 -9.20 -8.20
C SER A 155 15.42 -8.79 -7.46
N GLY A 156 15.61 -8.38 -6.21
CA GLY A 156 14.49 -7.87 -5.42
C GLY A 156 13.89 -6.64 -6.09
N GLY A 157 14.74 -5.73 -6.56
CA GLY A 157 14.29 -4.53 -7.23
C GLY A 157 13.45 -4.87 -8.45
N GLN A 158 13.91 -5.82 -9.27
CA GLN A 158 13.13 -6.20 -10.45
C GLN A 158 11.81 -6.82 -10.02
N GLN A 159 11.82 -7.71 -9.03
CA GLN A 159 10.58 -8.33 -8.59
C GLN A 159 9.62 -7.29 -8.07
N GLN A 160 10.10 -6.27 -7.36
CA GLN A 160 9.19 -5.24 -6.87
C GLN A 160 8.62 -4.41 -8.01
N ARG A 161 9.44 -4.10 -9.01
CA ARG A 161 8.90 -3.38 -10.14
C ARG A 161 7.80 -4.22 -10.80
N VAL A 162 8.03 -5.53 -10.99
CA VAL A 162 6.98 -6.40 -11.55
C VAL A 162 5.72 -6.37 -10.66
N SER A 163 5.89 -6.38 -9.32
CA SER A 163 4.76 -6.35 -8.41
C SER A 163 3.97 -5.06 -8.52
N ILE A 164 4.67 -3.94 -8.74
CA ILE A 164 4.00 -2.68 -8.96
C ILE A 164 3.19 -2.75 -10.28
N ALA A 165 3.79 -3.34 -11.33
CA ALA A 165 3.08 -3.48 -12.60
C ALA A 165 1.84 -4.37 -12.41
N ARG A 166 1.97 -5.44 -11.62
CA ARG A 166 0.83 -6.31 -11.35
C ARG A 166 -0.33 -5.49 -10.71
N ALA A 167 0.02 -4.68 -9.72
CA ALA A 167 -1.01 -3.83 -9.05
C ALA A 167 -1.62 -2.86 -10.02
N LEU A 168 -0.78 -2.18 -10.80
CA LEU A 168 -1.29 -1.24 -11.79
C LEU A 168 -2.20 -1.87 -12.84
N ALA A 169 -1.89 -3.09 -13.26
CA ALA A 169 -2.69 -3.72 -14.31
C ALA A 169 -4.13 -4.01 -13.90
N MET A 170 -4.39 -4.03 -12.60
CA MET A 170 -5.77 -4.20 -12.14
C MET A 170 -6.54 -2.92 -12.33
N GLU A 171 -5.84 -1.82 -12.61
CA GLU A 171 -6.44 -0.49 -12.75
C GLU A 171 -7.37 -0.18 -11.59
N PRO A 172 -6.84 -0.23 -10.37
CA PRO A 172 -7.58 0.03 -9.14
C PRO A 172 -7.84 1.52 -8.88
N ASP A 173 -8.71 1.75 -7.90
CA ASP A 173 -8.98 3.12 -7.49
C ASP A 173 -7.91 3.66 -6.54
N VAL A 174 -7.35 2.76 -5.70
CA VAL A 174 -6.30 3.18 -4.75
C VAL A 174 -5.20 2.14 -4.72
N LEU A 175 -3.96 2.60 -4.72
CA LEU A 175 -2.76 1.75 -4.61
C LEU A 175 -2.21 1.89 -3.20
N LEU A 176 -2.07 0.75 -2.51
CA LEU A 176 -1.51 0.74 -1.13
C LEU A 176 -0.11 0.17 -1.22
N PHE A 177 0.85 0.80 -0.54
CA PHE A 177 2.25 0.32 -0.56
C PHE A 177 2.77 0.21 0.85
N ASP A 178 3.27 -0.97 1.27
CA ASP A 178 3.85 -1.10 2.61
C ASP A 178 5.37 -1.27 2.50
N GLU A 179 6.09 -0.17 2.70
CA GLU A 179 7.59 -0.15 2.67
C GLU A 179 8.13 -0.94 1.47
N PRO A 180 7.70 -0.56 0.27
CA PRO A 180 8.14 -1.28 -0.91
C PRO A 180 9.62 -1.28 -1.17
N THR A 181 10.36 -0.33 -0.63
CA THR A 181 11.81 -0.36 -0.89
C THR A 181 12.63 -0.92 0.26
N SER A 182 11.97 -1.35 1.34
CA SER A 182 12.70 -1.78 2.51
C SER A 182 13.61 -2.99 2.36
N ALA A 183 13.31 -3.90 1.43
CA ALA A 183 14.13 -5.11 1.28
C ALA A 183 15.02 -5.03 0.06
N LEU A 184 15.01 -3.88 -0.59
CA LEU A 184 15.83 -3.72 -1.79
C LEU A 184 17.26 -3.25 -1.48
N ASP A 185 18.20 -3.55 -2.39
CA ASP A 185 19.56 -3.03 -2.18
C ASP A 185 19.41 -1.49 -2.06
N PRO A 186 20.13 -0.89 -1.09
CA PRO A 186 20.02 0.57 -0.92
C PRO A 186 20.24 1.35 -2.20
N GLU A 187 21.15 0.89 -3.09
CA GLU A 187 21.41 1.55 -4.36
C GLU A 187 20.20 1.62 -5.29
N LEU A 188 19.23 0.73 -5.07
CA LEU A 188 18.04 0.65 -5.92
C LEU A 188 16.82 1.35 -5.38
N VAL A 189 16.94 1.87 -4.16
CA VAL A 189 15.77 2.53 -3.53
C VAL A 189 15.27 3.74 -4.32
N GLY A 190 16.19 4.64 -4.68
CA GLY A 190 15.82 5.84 -5.38
C GLY A 190 14.96 5.61 -6.61
N GLU A 191 15.38 4.67 -7.44
CA GLU A 191 14.67 4.36 -8.67
C GLU A 191 13.23 3.98 -8.39
N VAL A 192 12.99 3.16 -7.38
CA VAL A 192 11.62 2.76 -7.07
C VAL A 192 10.82 3.92 -6.50
N LEU A 193 11.46 4.73 -5.66
CA LEU A 193 10.76 5.91 -5.16
C LEU A 193 10.36 6.84 -6.32
N ARG A 194 11.20 6.92 -7.33
CA ARG A 194 10.88 7.78 -8.51
C ARG A 194 9.71 7.19 -9.29
N ILE A 195 9.61 5.84 -9.39
CA ILE A 195 8.44 5.27 -10.07
C ILE A 195 7.20 5.66 -9.28
N MET A 196 7.28 5.58 -7.94
CA MET A 196 6.10 5.93 -7.13
C MET A 196 5.78 7.42 -7.28
N GLN A 197 6.80 8.26 -7.41
CA GLN A 197 6.58 9.69 -7.62
C GLN A 197 5.92 9.94 -8.99
N GLN A 198 6.33 9.19 -10.00
CA GLN A 198 5.71 9.37 -11.34
C GLN A 198 4.22 9.04 -11.26
N LEU A 199 3.86 7.96 -10.52
CA LEU A 199 2.43 7.60 -10.38
C LEU A 199 1.69 8.75 -9.69
N ALA A 200 2.28 9.33 -8.66
CA ALA A 200 1.65 10.43 -7.96
C ALA A 200 1.46 11.60 -8.93
N GLU A 201 2.46 11.88 -9.75
CA GLU A 201 2.36 13.01 -10.67
C GLU A 201 1.32 12.79 -11.74
N GLU A 202 0.99 11.53 -12.01
CA GLU A 202 -0.03 11.20 -12.99
C GLU A 202 -1.44 11.19 -12.38
N GLY A 203 -1.54 11.55 -11.10
CA GLY A 203 -2.83 11.64 -10.42
C GLY A 203 -3.32 10.38 -9.69
N LYS A 204 -2.49 9.36 -9.55
CA LYS A 204 -2.94 8.16 -8.82
C LYS A 204 -3.22 8.45 -7.35
N THR A 205 -4.16 7.68 -6.78
CA THR A 205 -4.50 7.82 -5.38
C THR A 205 -3.70 6.72 -4.70
N MET A 206 -2.89 7.11 -3.72
CA MET A 206 -1.95 6.19 -3.09
C MET A 206 -1.85 6.33 -1.58
N VAL A 207 -1.61 5.23 -0.87
CA VAL A 207 -1.31 5.27 0.57
C VAL A 207 0.01 4.53 0.66
N VAL A 208 1.01 5.17 1.27
CA VAL A 208 2.33 4.60 1.32
C VAL A 208 2.91 4.61 2.72
N VAL A 209 3.32 3.44 3.22
CA VAL A 209 4.03 3.37 4.48
C VAL A 209 5.51 3.37 4.12
N THR A 210 6.31 4.26 4.73
CA THR A 210 7.72 4.27 4.37
C THR A 210 8.61 4.86 5.44
N HIS A 211 9.86 4.38 5.43
CA HIS A 211 10.95 4.93 6.26
C HIS A 211 11.73 5.99 5.46
N GLU A 212 11.43 6.16 4.17
CA GLU A 212 12.17 7.13 3.33
C GLU A 212 11.47 8.47 3.44
N MET A 213 12.02 9.29 4.33
CA MET A 213 11.38 10.58 4.59
C MET A 213 11.45 11.51 3.41
N GLY A 214 12.38 11.25 2.50
CA GLY A 214 12.45 12.05 1.29
C GLY A 214 11.14 11.91 0.50
N PHE A 215 10.66 10.68 0.30
CA PHE A 215 9.40 10.47 -0.39
C PHE A 215 8.26 11.04 0.45
N ALA A 216 8.23 10.75 1.75
CA ALA A 216 7.11 11.23 2.60
C ALA A 216 6.99 12.75 2.56
N ARG A 217 8.10 13.45 2.61
CA ARG A 217 7.99 14.90 2.54
C ARG A 217 7.79 15.48 1.14
N HIS A 218 8.51 14.91 0.17
CA HIS A 218 8.54 15.49 -1.19
C HIS A 218 7.38 15.17 -2.09
N VAL A 219 6.76 14.01 -1.88
CA VAL A 219 5.70 13.57 -2.78
C VAL A 219 4.28 13.55 -2.21
N SER A 220 4.16 13.43 -0.89
CA SER A 220 2.84 13.31 -0.26
C SER A 220 1.99 14.57 -0.35
N SER A 221 0.68 14.37 -0.35
CA SER A 221 -0.25 15.48 -0.23
C SER A 221 -0.67 15.55 1.25
N HIS A 222 -0.48 14.43 1.99
CA HIS A 222 -0.88 14.33 3.41
C HIS A 222 0.02 13.36 4.12
N VAL A 223 0.43 13.66 5.33
CA VAL A 223 1.32 12.74 6.09
C VAL A 223 0.69 12.40 7.41
N ILE A 224 0.71 11.12 7.78
CA ILE A 224 0.15 10.64 9.04
C ILE A 224 1.29 10.09 9.87
N PHE A 225 1.47 10.60 11.08
CA PHE A 225 2.46 10.06 12.03
C PHE A 225 1.69 9.16 12.97
N LEU A 226 1.96 7.85 12.88
CA LEU A 226 1.31 6.84 13.73
C LEU A 226 2.20 6.60 14.96
N HIS A 227 1.59 6.59 16.14
CA HIS A 227 2.33 6.39 17.39
C HIS A 227 1.49 5.47 18.28
N GLN A 228 2.07 4.33 18.65
CA GLN A 228 1.39 3.38 19.50
C GLN A 228 -0.07 3.13 19.12
N GLY A 229 -0.31 2.86 17.83
CA GLY A 229 -1.66 2.54 17.40
C GLY A 229 -2.62 3.69 17.21
N LYS A 230 -2.18 4.95 17.30
CA LYS A 230 -3.09 6.09 17.07
C LYS A 230 -2.40 7.11 16.18
N ILE A 231 -3.17 7.98 15.52
CA ILE A 231 -2.55 9.04 14.76
C ILE A 231 -2.26 10.15 15.77
N GLU A 232 -0.98 10.40 15.99
CA GLU A 232 -0.53 11.41 16.95
C GLU A 232 -0.43 12.80 16.31
N GLU A 233 -0.16 12.84 15.01
CA GLU A 233 -0.09 14.09 14.27
C GLU A 233 -0.26 13.80 12.79
N GLU A 234 -0.93 14.70 12.07
CA GLU A 234 -1.09 14.53 10.65
C GLU A 234 -1.36 15.87 9.99
N GLY A 235 -1.11 15.93 8.69
CA GLY A 235 -1.34 17.17 7.95
C GLY A 235 -0.49 17.30 6.73
N ASP A 236 -0.38 18.51 6.20
CA ASP A 236 0.43 18.73 5.01
C ASP A 236 1.90 18.39 5.35
N PRO A 237 2.63 17.79 4.40
CA PRO A 237 4.04 17.46 4.68
C PRO A 237 4.90 18.61 5.16
N GLU A 238 4.66 19.82 4.66
CA GLU A 238 5.52 20.91 5.13
C GLU A 238 5.27 21.21 6.58
N GLN A 239 4.06 21.00 7.05
CA GLN A 239 3.78 21.21 8.47
C GLN A 239 4.31 20.08 9.36
N VAL A 240 4.00 18.84 8.98
CA VAL A 240 4.43 17.70 9.76
C VAL A 240 5.94 17.63 9.86
N PHE A 241 6.63 17.83 8.73
CA PHE A 241 8.08 17.77 8.76
C PHE A 241 8.76 19.09 9.12
N GLY A 242 8.22 20.19 8.63
CA GLY A 242 8.86 21.49 8.89
C GLY A 242 8.45 22.21 10.15
N ASN A 243 7.31 21.86 10.72
CA ASN A 243 6.80 22.52 11.92
C ASN A 243 6.07 21.50 12.82
N PRO A 244 6.75 20.40 13.18
CA PRO A 244 6.12 19.38 14.01
C PRO A 244 5.68 19.92 15.36
N GLN A 245 4.47 19.64 15.76
CA GLN A 245 3.95 20.13 17.04
C GLN A 245 4.16 19.21 18.23
N SER A 246 3.81 17.95 18.04
CA SER A 246 3.95 16.94 19.09
C SER A 246 5.36 16.56 19.48
N PRO A 247 5.65 16.57 20.78
CA PRO A 247 7.01 16.17 21.18
C PRO A 247 7.32 14.73 20.70
N ARG A 248 6.28 13.87 20.60
CA ARG A 248 6.51 12.51 20.13
C ARG A 248 6.98 12.54 18.65
N LEU A 249 6.33 13.38 17.84
CA LEU A 249 6.75 13.51 16.44
C LEU A 249 8.16 14.09 16.36
N GLN A 250 8.46 15.09 17.19
CA GLN A 250 9.79 15.69 17.13
C GLN A 250 10.85 14.64 17.47
N GLN A 251 10.58 13.82 18.51
CA GLN A 251 11.51 12.77 18.91
C GLN A 251 11.65 11.70 17.80
N PHE A 252 10.52 11.33 17.17
CA PHE A 252 10.59 10.34 16.09
C PHE A 252 11.46 10.88 14.92
N LEU A 253 11.25 12.14 14.55
CA LEU A 253 12.04 12.68 13.45
C LEU A 253 13.52 12.72 13.77
N LYS A 254 13.87 13.05 15.01
CA LYS A 254 15.28 13.08 15.38
C LYS A 254 15.86 11.69 15.45
N GLY A 255 15.14 10.77 16.08
CA GLY A 255 15.70 9.44 16.25
C GLY A 255 15.80 8.67 14.96
N SER A 256 14.87 8.95 14.05
CA SER A 256 14.85 8.16 12.84
C SER A 256 16.10 8.36 11.99
N LEU A 257 16.72 9.54 12.06
CA LEU A 257 17.94 9.79 11.31
C LEU A 257 19.01 8.74 11.55
N LYS A 258 19.14 8.29 12.79
CA LYS A 258 20.19 7.31 13.07
C LYS A 258 19.86 5.85 12.85
N LYS A 259 18.60 5.54 12.57
CA LYS A 259 18.27 4.15 12.37
C LYS A 259 18.71 3.72 11.01
N LEU A 260 19.25 2.52 10.92
CA LEU A 260 19.66 2.02 9.62
C LEU A 260 18.70 0.96 9.17
N GLU A 261 18.11 1.23 8.01
CA GLU A 261 17.15 0.33 7.42
C GLU A 261 17.76 -0.60 6.39
N HIS A 262 18.99 -0.33 5.97
CA HIS A 262 19.64 -1.19 4.98
#